data_3D6Y
#
_entry.id   3D6Y
#
_cell.length_a   106.330
_cell.length_b   106.330
_cell.length_c   146.750
_cell.angle_alpha   90.00
_cell.angle_beta   90.00
_cell.angle_gamma   90.00
#
_symmetry.space_group_name_H-M   'P 43 2 2'
#
loop_
_entity.id
_entity.type
_entity.pdbx_description
1 polymer 'BMR promoter DNA'
2 polymer 'Multidrug-efflux transporter 1 regulator'
3 non-polymer BERBERINE
4 non-polymer GLYCEROL
5 water water
#
loop_
_entity_poly.entity_id
_entity_poly.type
_entity_poly.pdbx_seq_one_letter_code
_entity_poly.pdbx_strand_id
1 'polydeoxyribonucleotide'
;(DT)(DG)(DA)(DC)(DC)(DC)(DT)(DC)(DC)(DC)(DC)(DT)(DT)(DA)(DG)(DG)(DG)(DG)(DA)(DG)
(DG)(DG)(DT)(DC)
;
B
2 'polypeptide(L)'
;MKESYYSIGEVSKLANVSIKALRYYDKIDLFKPAYVDPDTSYRYYTDSQLIHLDLIKSLKYIGTPLEEMKKAQDLEMEEL
FAFYTEQERQIREKLDFLSALEQTISLVKKRMKRQMEYPALGEVFVLDEEEIRIIQTEAEGIGPENVLNASYSKLKKFIE
SADGFTNNSYGATFSFQPYTSIDEMTYRHIFTPVLTNKQISSITPDMEITTIPKGRYACIAYNFSPEHYFLNLQKLIKYI
ADRQLTVVSDVYELIIPIHYSPKKQEEYRVEMKIEILDHHHHHH
;
A
#
# COMPACT_ATOMS: atom_id res chain seq x y z
N LYS B 2 9.64 32.58 -44.98
CA LYS B 2 10.95 32.11 -44.42
C LYS B 2 11.76 31.36 -45.48
N GLU B 3 12.73 32.04 -46.06
CA GLU B 3 13.56 31.44 -47.09
C GLU B 3 14.87 30.91 -46.51
N SER B 4 14.96 30.88 -45.20
CA SER B 4 16.18 30.42 -44.53
C SER B 4 16.00 29.07 -43.83
N TYR B 5 16.69 28.92 -42.71
CA TYR B 5 16.64 27.71 -41.89
C TYR B 5 16.94 28.10 -40.46
N TYR B 6 16.52 27.26 -39.53
CA TYR B 6 16.82 27.52 -38.13
C TYR B 6 17.90 26.49 -37.77
N SER B 7 18.87 26.90 -36.97
CA SER B 7 19.91 25.98 -36.52
C SER B 7 19.29 25.26 -35.33
N ILE B 8 19.87 24.12 -34.95
CA ILE B 8 19.37 23.34 -33.82
C ILE B 8 19.09 24.21 -32.58
N GLY B 9 20.04 25.08 -32.25
CA GLY B 9 19.86 25.93 -31.08
C GLY B 9 18.74 26.93 -31.19
N GLU B 10 18.45 27.38 -32.41
CA GLU B 10 17.38 28.35 -32.59
C GLU B 10 16.05 27.67 -32.34
N VAL B 11 15.89 26.49 -32.93
CA VAL B 11 14.69 25.71 -32.76
C VAL B 11 14.52 25.42 -31.27
N SER B 12 15.62 25.11 -30.60
CA SER B 12 15.60 24.80 -29.18
C SER B 12 15.09 25.97 -28.36
N LYS B 13 15.59 27.16 -28.66
CA LYS B 13 15.18 28.37 -27.94
C LYS B 13 13.73 28.74 -28.28
N LEU B 14 13.33 28.49 -29.52
CA LEU B 14 11.99 28.80 -29.99
C LEU B 14 10.89 27.84 -29.53
N ALA B 15 11.22 26.55 -29.41
CA ALA B 15 10.25 25.53 -29.03
C ALA B 15 10.35 25.08 -27.58
N ASN B 16 11.35 25.61 -26.88
CA ASN B 16 11.59 25.25 -25.50
C ASN B 16 11.80 23.73 -25.41
N VAL B 17 12.67 23.23 -26.27
CA VAL B 17 13.00 21.82 -26.33
C VAL B 17 14.51 21.76 -26.40
N SER B 18 15.13 20.93 -25.57
CA SER B 18 16.59 20.85 -25.53
C SER B 18 17.21 20.37 -26.83
N ILE B 19 18.44 20.79 -27.07
CA ILE B 19 19.16 20.39 -28.27
C ILE B 19 19.33 18.88 -28.23
N LYS B 20 19.61 18.36 -27.03
CA LYS B 20 19.75 16.93 -26.83
C LYS B 20 18.43 16.26 -27.24
N ALA B 21 17.32 16.82 -26.78
CA ALA B 21 16.01 16.27 -27.12
C ALA B 21 15.83 16.26 -28.64
N LEU B 22 16.23 17.35 -29.28
CA LEU B 22 16.10 17.44 -30.72
C LEU B 22 16.95 16.40 -31.44
N ARG B 23 18.20 16.24 -31.02
CA ARG B 23 19.04 15.24 -31.67
C ARG B 23 18.43 13.86 -31.49
N TYR B 24 17.83 13.62 -30.32
CA TYR B 24 17.24 12.31 -30.05
C TYR B 24 16.00 12.06 -30.90
N TYR B 25 15.13 13.06 -31.02
CA TYR B 25 13.92 12.91 -31.84
C TYR B 25 14.33 12.72 -33.30
N ASP B 26 15.53 13.19 -33.62
CA ASP B 26 16.06 13.05 -34.96
C ASP B 26 16.42 11.58 -35.14
N LYS B 27 17.24 11.06 -34.23
CA LYS B 27 17.66 9.66 -34.27
C LYS B 27 16.46 8.73 -34.31
N ILE B 28 15.51 9.01 -33.43
CA ILE B 28 14.29 8.22 -33.31
C ILE B 28 13.40 8.30 -34.56
N ASP B 29 13.71 9.24 -35.46
CA ASP B 29 12.89 9.43 -36.67
C ASP B 29 11.49 9.84 -36.24
N LEU B 30 11.43 10.75 -35.27
CA LEU B 30 10.17 11.30 -34.74
C LEU B 30 10.02 12.72 -35.28
N PHE B 31 11.16 13.41 -35.33
CA PHE B 31 11.24 14.78 -35.80
C PHE B 31 12.67 14.99 -36.31
N LYS B 32 12.85 14.90 -37.62
CA LYS B 32 14.17 15.06 -38.25
C LYS B 32 14.27 16.41 -38.94
N PRO B 33 15.46 17.04 -38.94
CA PRO B 33 15.54 18.34 -39.60
C PRO B 33 15.27 18.23 -41.11
N ALA B 34 14.84 19.33 -41.72
CA ALA B 34 14.54 19.38 -43.14
C ALA B 34 15.79 19.15 -43.96
N TYR B 35 16.92 19.57 -43.40
CA TYR B 35 18.17 19.45 -44.13
C TYR B 35 19.36 19.34 -43.18
N VAL B 36 20.24 18.40 -43.52
CA VAL B 36 21.46 18.18 -42.76
C VAL B 36 22.62 18.50 -43.69
N ASP B 37 23.46 19.46 -43.25
CA ASP B 37 24.61 19.85 -44.04
C ASP B 37 25.52 18.64 -44.22
N PRO B 38 25.66 18.16 -45.46
CA PRO B 38 26.46 16.99 -45.86
C PRO B 38 27.90 16.95 -45.38
N ASP B 39 28.43 18.08 -44.94
CA ASP B 39 29.81 18.14 -44.48
C ASP B 39 29.89 18.30 -42.98
N THR B 40 29.36 19.42 -42.48
CA THR B 40 29.38 19.74 -41.06
C THR B 40 28.43 18.87 -40.23
N SER B 41 27.48 18.22 -40.90
CA SER B 41 26.51 17.38 -40.22
C SER B 41 25.55 18.23 -39.39
N TYR B 42 25.68 19.55 -39.50
CA TYR B 42 24.81 20.48 -38.79
C TYR B 42 23.36 20.22 -39.15
N ARG B 43 22.48 20.40 -38.17
CA ARG B 43 21.06 20.20 -38.37
C ARG B 43 20.35 21.54 -38.66
N TYR B 44 19.51 21.54 -39.70
CA TYR B 44 18.77 22.73 -40.10
C TYR B 44 17.28 22.43 -40.25
N TYR B 45 16.46 23.33 -39.70
CA TYR B 45 15.01 23.17 -39.71
C TYR B 45 14.25 24.32 -40.39
N THR B 46 13.14 23.99 -41.06
CA THR B 46 12.29 25.00 -41.71
C THR B 46 11.26 25.47 -40.69
N ASP B 47 10.86 26.73 -40.79
CA ASP B 47 9.85 27.31 -39.88
C ASP B 47 8.51 26.54 -39.94
N SER B 48 8.08 26.14 -41.12
CA SER B 48 6.81 25.44 -41.26
C SER B 48 6.78 24.14 -40.48
N GLN B 49 7.97 23.55 -40.35
CA GLN B 49 8.19 22.28 -39.68
C GLN B 49 8.01 22.36 -38.15
N LEU B 50 8.22 23.52 -37.57
CA LEU B 50 8.08 23.70 -36.12
C LEU B 50 6.72 23.21 -35.63
N ILE B 51 5.72 23.30 -36.49
CA ILE B 51 4.38 22.89 -36.12
C ILE B 51 4.27 21.43 -35.62
N HIS B 52 5.18 20.58 -36.06
CA HIS B 52 5.15 19.17 -35.68
C HIS B 52 5.53 18.96 -34.22
N LEU B 53 6.27 19.90 -33.66
CA LEU B 53 6.68 19.82 -32.27
C LEU B 53 5.50 20.06 -31.33
N ASP B 54 4.42 20.65 -31.84
CA ASP B 54 3.24 20.89 -31.01
C ASP B 54 2.71 19.58 -30.44
N LEU B 55 2.37 18.66 -31.33
CA LEU B 55 1.86 17.35 -30.95
C LEU B 55 2.86 16.65 -30.02
N ILE B 56 4.12 16.60 -30.46
CA ILE B 56 5.19 15.97 -29.70
C ILE B 56 5.23 16.48 -28.24
N LYS B 57 5.34 17.80 -28.08
CA LYS B 57 5.40 18.38 -26.75
C LYS B 57 4.16 18.08 -25.93
N SER B 58 2.98 18.14 -26.56
CA SER B 58 1.73 17.88 -25.86
C SER B 58 1.66 16.42 -25.37
N LEU B 59 1.83 15.48 -26.30
CA LEU B 59 1.81 14.07 -25.95
C LEU B 59 2.86 13.78 -24.88
N LYS B 60 4.01 14.45 -24.98
CA LYS B 60 5.05 14.23 -24.01
C LYS B 60 4.57 14.70 -22.64
N TYR B 61 3.85 15.81 -22.61
CA TYR B 61 3.37 16.31 -21.35
C TYR B 61 2.44 15.31 -20.66
N ILE B 62 1.65 14.58 -21.45
CA ILE B 62 0.74 13.60 -20.87
C ILE B 62 1.35 12.20 -20.74
N GLY B 63 2.67 12.12 -20.84
CA GLY B 63 3.36 10.85 -20.69
C GLY B 63 3.33 9.82 -21.83
N THR B 64 2.94 10.22 -23.02
CA THR B 64 2.92 9.26 -24.13
C THR B 64 4.33 8.84 -24.52
N PRO B 65 4.56 7.53 -24.67
CA PRO B 65 5.92 7.10 -25.06
C PRO B 65 6.27 7.59 -26.48
N LEU B 66 7.53 7.92 -26.71
CA LEU B 66 7.96 8.44 -28.00
C LEU B 66 7.55 7.62 -29.23
N GLU B 67 7.74 6.30 -29.19
CA GLU B 67 7.37 5.48 -30.33
C GLU B 67 5.88 5.48 -30.53
N GLU B 68 5.17 5.69 -29.43
CA GLU B 68 3.72 5.74 -29.46
C GLU B 68 3.30 6.97 -30.28
N MET B 69 4.03 8.06 -30.08
CA MET B 69 3.75 9.30 -30.79
C MET B 69 3.80 9.13 -32.30
N LYS B 70 4.80 8.40 -32.77
CA LYS B 70 4.95 8.17 -34.21
C LYS B 70 3.66 7.75 -34.88
N LYS B 71 2.87 6.92 -34.22
CA LYS B 71 1.60 6.48 -34.82
C LYS B 71 0.57 7.59 -34.69
N ALA B 72 0.67 8.36 -33.62
CA ALA B 72 -0.27 9.45 -33.40
C ALA B 72 -0.11 10.56 -34.43
N GLN B 73 1.14 10.86 -34.83
CA GLN B 73 1.33 11.93 -35.79
C GLN B 73 0.78 11.63 -37.17
N ASP B 74 0.38 10.40 -37.39
CA ASP B 74 -0.19 10.03 -38.68
C ASP B 74 -1.68 10.32 -38.74
N LEU B 75 -2.44 9.77 -37.79
CA LEU B 75 -3.89 9.98 -37.74
C LEU B 75 -4.27 11.46 -37.93
N GLU B 76 -5.38 11.68 -38.60
CA GLU B 76 -5.86 13.04 -38.92
C GLU B 76 -7.02 13.64 -38.16
N MET B 77 -6.76 14.16 -36.96
CA MET B 77 -7.79 14.82 -36.15
C MET B 77 -9.04 14.00 -35.88
N GLU B 78 -9.40 13.14 -36.82
CA GLU B 78 -10.57 12.30 -36.69
C GLU B 78 -10.31 11.23 -35.64
N GLU B 79 -9.21 10.52 -35.84
CA GLU B 79 -8.81 9.46 -34.94
C GLU B 79 -8.03 10.01 -33.76
N LEU B 80 -7.39 11.16 -33.98
CA LEU B 80 -6.62 11.82 -32.92
C LEU B 80 -7.56 12.06 -31.75
N PHE B 81 -8.81 12.40 -32.06
CA PHE B 81 -9.83 12.63 -31.05
C PHE B 81 -9.92 11.39 -30.18
N ALA B 82 -10.17 10.25 -30.81
CA ALA B 82 -10.28 8.97 -30.12
C ALA B 82 -9.06 8.71 -29.24
N PHE B 83 -7.88 8.87 -29.84
CA PHE B 83 -6.60 8.69 -29.16
C PHE B 83 -6.61 9.35 -27.79
N TYR B 84 -7.19 10.55 -27.73
CA TYR B 84 -7.29 11.30 -26.49
C TYR B 84 -8.27 10.68 -25.53
N THR B 85 -9.39 10.21 -26.06
CA THR B 85 -10.41 9.58 -25.24
C THR B 85 -9.74 8.40 -24.51
N GLU B 86 -8.79 7.79 -25.21
CA GLU B 86 -8.04 6.67 -24.67
C GLU B 86 -7.15 7.19 -23.56
N GLN B 87 -6.38 8.23 -23.87
CA GLN B 87 -5.51 8.83 -22.88
C GLN B 87 -6.28 9.23 -21.63
N GLU B 88 -7.51 9.71 -21.82
CA GLU B 88 -8.37 10.10 -20.70
C GLU B 88 -8.65 8.91 -19.80
N ARG B 89 -8.95 7.78 -20.42
CA ARG B 89 -9.25 6.55 -19.70
C ARG B 89 -8.07 6.20 -18.79
N GLN B 90 -6.87 6.23 -19.34
CA GLN B 90 -5.67 5.92 -18.58
C GLN B 90 -5.41 6.95 -17.49
N ILE B 91 -5.76 8.20 -17.76
CA ILE B 91 -5.57 9.26 -16.78
C ILE B 91 -6.46 8.96 -15.57
N ARG B 92 -7.71 8.62 -15.82
CA ARG B 92 -8.63 8.32 -14.72
C ARG B 92 -8.14 7.10 -13.96
N GLU B 93 -7.53 6.18 -14.68
CA GLU B 93 -6.99 4.97 -14.08
C GLU B 93 -5.99 5.36 -12.98
N LYS B 94 -5.00 6.16 -13.34
CA LYS B 94 -3.99 6.60 -12.39
C LYS B 94 -4.65 7.34 -11.23
N LEU B 95 -5.66 8.14 -11.52
CA LEU B 95 -6.36 8.90 -10.49
C LEU B 95 -7.00 8.01 -9.45
N ASP B 96 -7.76 7.03 -9.90
CA ASP B 96 -8.43 6.10 -9.00
C ASP B 96 -7.38 5.43 -8.14
N PHE B 97 -6.33 4.96 -8.78
CA PHE B 97 -5.24 4.31 -8.09
C PHE B 97 -4.68 5.22 -7.00
N LEU B 98 -4.31 6.43 -7.39
CA LEU B 98 -3.75 7.40 -6.47
C LEU B 98 -4.70 7.76 -5.33
N SER B 99 -5.98 7.91 -5.64
CA SER B 99 -6.96 8.25 -4.60
C SER B 99 -6.98 7.13 -3.58
N ALA B 100 -7.14 5.91 -4.09
CA ALA B 100 -7.15 4.73 -3.25
C ALA B 100 -5.89 4.74 -2.41
N LEU B 101 -4.74 4.81 -3.08
CA LEU B 101 -3.46 4.83 -2.38
C LEU B 101 -3.46 5.86 -1.26
N GLU B 102 -3.94 7.07 -1.56
CA GLU B 102 -3.98 8.12 -0.55
C GLU B 102 -4.79 7.72 0.68
N GLN B 103 -5.95 7.11 0.44
CA GLN B 103 -6.84 6.67 1.49
C GLN B 103 -6.12 5.63 2.35
N THR B 104 -5.48 4.67 1.68
CA THR B 104 -4.75 3.62 2.35
C THR B 104 -3.73 4.21 3.31
N ILE B 105 -2.83 5.03 2.78
CA ILE B 105 -1.78 5.66 3.59
C ILE B 105 -2.37 6.33 4.81
N SER B 106 -3.48 7.03 4.63
CA SER B 106 -4.13 7.73 5.73
C SER B 106 -4.50 6.75 6.84
N LEU B 107 -5.09 5.61 6.45
CA LEU B 107 -5.49 4.59 7.40
C LEU B 107 -4.24 4.01 8.10
N VAL B 108 -3.21 3.68 7.34
CA VAL B 108 -2.00 3.15 7.95
C VAL B 108 -1.48 4.14 8.99
N LYS B 109 -1.61 5.43 8.71
CA LYS B 109 -1.17 6.45 9.64
C LYS B 109 -2.10 6.50 10.85
N LYS B 110 -3.40 6.39 10.59
CA LYS B 110 -4.39 6.41 11.67
C LYS B 110 -4.02 5.35 12.68
N ARG B 111 -3.96 4.10 12.23
CA ARG B 111 -3.61 2.98 13.10
C ARG B 111 -2.23 3.21 13.72
N MET B 112 -1.31 3.67 12.91
CA MET B 112 0.06 3.91 13.37
C MET B 112 0.11 4.90 14.52
N LYS B 113 -0.73 5.94 14.47
CA LYS B 113 -0.75 6.95 15.51
C LYS B 113 -1.30 6.38 16.81
N ARG B 114 -2.40 5.64 16.71
CA ARG B 114 -3.04 5.04 17.88
C ARG B 114 -2.05 4.23 18.71
N GLN B 115 -1.18 3.49 18.05
CA GLN B 115 -0.19 2.68 18.74
C GLN B 115 0.85 3.57 19.41
N MET B 116 1.04 4.75 18.84
CA MET B 116 2.00 5.71 19.38
C MET B 116 1.43 6.52 20.55
N GLU B 117 0.11 6.67 20.58
CA GLU B 117 -0.54 7.39 21.67
C GLU B 117 -1.24 6.40 22.59
N TYR B 118 -0.52 5.38 23.02
CA TYR B 118 -1.10 4.37 23.90
C TYR B 118 -0.96 4.80 25.36
N PRO B 119 -2.03 4.63 26.15
CA PRO B 119 -2.12 4.98 27.57
C PRO B 119 -0.91 4.62 28.43
N ALA B 120 -0.55 3.33 28.44
CA ALA B 120 0.59 2.89 29.22
C ALA B 120 0.89 1.43 28.95
N LEU B 121 2.17 1.11 28.87
CA LEU B 121 2.56 -0.25 28.61
C LEU B 121 2.61 -1.08 29.88
N GLY B 122 2.35 -2.38 29.75
CA GLY B 122 2.39 -3.27 30.89
C GLY B 122 1.22 -3.16 31.84
N GLU B 123 0.40 -2.13 31.67
CA GLU B 123 -0.76 -1.95 32.52
C GLU B 123 -2.04 -2.31 31.77
N VAL B 124 -3.03 -2.81 32.50
CA VAL B 124 -4.30 -3.19 31.90
C VAL B 124 -5.34 -2.10 32.04
N PHE B 125 -6.07 -1.84 30.96
CA PHE B 125 -7.14 -0.86 31.00
C PHE B 125 -8.26 -1.17 30.02
N VAL B 126 -9.42 -0.60 30.31
CA VAL B 126 -10.61 -0.81 29.53
C VAL B 126 -10.95 0.37 28.65
N LEU B 127 -11.05 0.16 27.34
CA LEU B 127 -11.44 1.27 26.49
C LEU B 127 -12.47 0.90 25.44
N ASP B 128 -13.10 1.91 24.87
CA ASP B 128 -14.12 1.73 23.86
C ASP B 128 -13.46 1.75 22.50
N GLU B 129 -13.59 0.64 21.79
CA GLU B 129 -12.95 0.50 20.49
C GLU B 129 -13.92 0.51 19.32
N GLU B 130 -13.40 0.93 18.18
CA GLU B 130 -14.17 0.96 16.96
C GLU B 130 -13.93 -0.42 16.33
N GLU B 131 -14.89 -0.90 15.54
CA GLU B 131 -14.70 -2.22 14.94
C GLU B 131 -13.53 -2.19 13.98
N ILE B 132 -12.88 -3.35 13.83
CA ILE B 132 -11.71 -3.50 12.95
C ILE B 132 -11.98 -4.70 12.05
N ARG B 133 -11.98 -4.48 10.75
CA ARG B 133 -12.22 -5.57 9.83
C ARG B 133 -10.98 -6.40 9.60
N ILE B 134 -11.17 -7.70 9.48
CA ILE B 134 -10.05 -8.60 9.30
C ILE B 134 -10.38 -9.81 8.41
N ILE B 135 -9.31 -10.50 7.99
CA ILE B 135 -9.42 -11.71 7.20
C ILE B 135 -8.73 -12.75 8.11
N GLN B 136 -9.39 -13.87 8.38
CA GLN B 136 -8.79 -14.89 9.22
C GLN B 136 -8.93 -16.25 8.61
N THR B 137 -8.19 -17.20 9.16
CA THR B 137 -8.20 -18.59 8.70
C THR B 137 -7.90 -19.41 9.95
N GLU B 138 -8.33 -20.67 10.05
CA GLU B 138 -8.04 -21.39 11.28
C GLU B 138 -6.55 -21.68 11.52
N ALA B 139 -6.17 -21.72 12.79
CA ALA B 139 -4.79 -21.93 13.18
C ALA B 139 -4.24 -23.33 12.99
N GLU B 140 -5.10 -24.33 12.86
CA GLU B 140 -4.61 -25.68 12.63
C GLU B 140 -3.49 -26.11 13.57
N GLY B 141 -3.72 -26.04 14.89
CA GLY B 141 -2.68 -26.46 15.81
C GLY B 141 -1.66 -25.40 16.15
N ILE B 142 -1.45 -24.45 15.25
CA ILE B 142 -0.52 -23.35 15.48
C ILE B 142 -0.82 -22.70 16.84
N GLY B 143 0.25 -22.37 17.57
CA GLY B 143 0.10 -21.75 18.87
C GLY B 143 1.23 -20.75 19.06
N PRO B 144 1.23 -19.99 20.17
CA PRO B 144 2.27 -18.98 20.46
C PRO B 144 3.72 -19.44 20.28
N GLU B 145 3.99 -20.70 20.56
CA GLU B 145 5.36 -21.22 20.47
C GLU B 145 5.79 -21.68 19.10
N ASN B 146 4.87 -21.82 18.15
CA ASN B 146 5.28 -22.28 16.85
C ASN B 146 4.71 -21.52 15.63
N VAL B 147 4.19 -20.31 15.84
CA VAL B 147 3.67 -19.52 14.73
C VAL B 147 4.86 -19.04 13.93
N LEU B 148 4.68 -18.89 12.63
CA LEU B 148 5.76 -18.40 11.79
C LEU B 148 5.24 -17.25 10.95
N ASN B 149 6.14 -16.44 10.39
CA ASN B 149 5.69 -15.39 9.53
C ASN B 149 5.09 -16.08 8.32
N ALA B 150 5.74 -17.14 7.85
CA ALA B 150 5.24 -17.88 6.72
C ALA B 150 3.83 -18.40 6.93
N SER B 151 3.40 -18.44 8.19
CA SER B 151 2.05 -18.93 8.49
C SER B 151 0.98 -17.98 7.95
N TYR B 152 1.35 -16.71 7.80
CA TYR B 152 0.44 -15.68 7.32
C TYR B 152 0.51 -15.43 5.83
N SER B 153 1.24 -16.27 5.12
CA SER B 153 1.43 -16.16 3.68
C SER B 153 0.17 -16.00 2.82
N LYS B 154 -0.76 -16.95 2.88
CA LYS B 154 -1.97 -16.84 2.07
C LYS B 154 -2.77 -15.61 2.49
N LEU B 155 -2.89 -15.38 3.80
CA LEU B 155 -3.63 -14.22 4.27
C LEU B 155 -3.06 -12.95 3.66
N LYS B 156 -1.75 -12.80 3.72
CA LYS B 156 -1.10 -11.63 3.18
C LYS B 156 -1.26 -11.49 1.66
N LYS B 157 -1.29 -12.60 0.94
CA LYS B 157 -1.45 -12.50 -0.50
C LYS B 157 -2.79 -11.84 -0.80
N PHE B 158 -3.77 -12.07 0.05
CA PHE B 158 -5.08 -11.46 -0.15
C PHE B 158 -5.09 -9.98 0.12
N ILE B 159 -4.73 -9.57 1.34
CA ILE B 159 -4.71 -8.16 1.69
C ILE B 159 -3.85 -7.39 0.73
N GLU B 160 -2.80 -8.03 0.23
CA GLU B 160 -1.90 -7.37 -0.71
C GLU B 160 -2.56 -7.06 -2.05
N SER B 161 -3.34 -7.99 -2.55
CA SER B 161 -4.01 -7.80 -3.84
C SER B 161 -5.30 -6.97 -3.73
N ALA B 162 -5.57 -6.44 -2.55
CA ALA B 162 -6.76 -5.62 -2.36
C ALA B 162 -6.34 -4.24 -1.89
N ASP B 163 -5.22 -4.20 -1.18
CA ASP B 163 -4.68 -2.97 -0.61
C ASP B 163 -3.39 -2.48 -1.23
N GLY B 164 -2.66 -3.37 -1.90
CA GLY B 164 -1.38 -2.97 -2.46
C GLY B 164 -0.44 -3.00 -1.27
N PHE B 165 -0.82 -2.28 -0.23
CA PHE B 165 -0.07 -2.26 1.00
C PHE B 165 -0.22 -3.63 1.64
N THR B 166 0.75 -4.01 2.46
CA THR B 166 0.69 -5.30 3.14
C THR B 166 0.41 -4.98 4.61
N ASN B 167 -0.32 -5.88 5.28
CA ASN B 167 -0.67 -5.66 6.69
C ASN B 167 0.50 -5.12 7.51
N ASN B 168 0.16 -4.36 8.54
CA ASN B 168 1.20 -3.84 9.40
C ASN B 168 1.25 -4.74 10.63
N SER B 169 0.10 -5.29 11.01
CA SER B 169 0.07 -6.17 12.18
C SER B 169 -0.35 -7.61 11.89
N TYR B 170 0.17 -8.52 12.69
CA TYR B 170 -0.15 -9.93 12.57
C TYR B 170 -1.03 -10.29 13.74
N GLY B 171 -2.13 -10.97 13.49
CA GLY B 171 -3.02 -11.30 14.59
C GLY B 171 -3.33 -12.76 14.81
N ALA B 172 -3.83 -13.05 16.01
CA ALA B 172 -4.20 -14.40 16.39
C ALA B 172 -5.24 -14.31 17.50
N THR B 173 -5.91 -15.42 17.75
CA THR B 173 -6.92 -15.45 18.79
C THR B 173 -6.87 -16.78 19.54
N PHE B 174 -7.43 -16.78 20.74
CA PHE B 174 -7.47 -18.01 21.52
C PHE B 174 -8.53 -17.89 22.58
N SER B 175 -9.03 -19.04 23.00
CA SER B 175 -10.07 -19.10 24.01
C SER B 175 -9.57 -18.47 25.28
N PHE B 176 -10.43 -17.65 25.90
CA PHE B 176 -10.05 -17.02 27.15
C PHE B 176 -10.19 -18.09 28.22
N GLN B 177 -9.06 -18.54 28.74
CA GLN B 177 -9.02 -19.58 29.78
C GLN B 177 -8.04 -19.13 30.85
N PRO B 178 -8.14 -19.73 32.05
CA PRO B 178 -7.20 -19.35 33.12
C PRO B 178 -5.98 -20.25 32.94
N TYR B 179 -5.22 -20.01 31.87
CA TYR B 179 -4.04 -20.82 31.57
C TYR B 179 -3.01 -20.76 32.70
N THR B 180 -2.23 -21.83 32.85
CA THR B 180 -1.20 -21.85 33.87
C THR B 180 0.14 -21.92 33.15
N SER B 181 0.09 -22.12 31.83
CA SER B 181 1.28 -22.20 31.01
C SER B 181 1.09 -21.93 29.52
N ILE B 182 2.08 -21.29 28.91
CA ILE B 182 2.05 -20.98 27.49
C ILE B 182 1.81 -22.24 26.67
N ASP B 183 2.41 -23.36 27.06
CA ASP B 183 2.23 -24.57 26.27
C ASP B 183 0.82 -25.16 26.34
N GLU B 184 -0.02 -24.54 27.16
CA GLU B 184 -1.41 -24.98 27.30
C GLU B 184 -2.22 -24.26 26.21
N MET B 185 -1.62 -23.23 25.63
CA MET B 185 -2.24 -22.38 24.62
C MET B 185 -2.22 -22.86 23.17
N THR B 186 -3.33 -22.60 22.48
CA THR B 186 -3.44 -22.94 21.05
C THR B 186 -4.34 -21.90 20.38
N TYR B 187 -3.83 -21.30 19.32
CA TYR B 187 -4.62 -20.31 18.60
C TYR B 187 -5.81 -20.93 17.89
N ARG B 188 -6.93 -20.21 17.88
CA ARG B 188 -8.12 -20.67 17.16
C ARG B 188 -7.93 -20.17 15.75
N HIS B 189 -7.64 -18.87 15.61
CA HIS B 189 -7.42 -18.27 14.31
C HIS B 189 -6.20 -17.39 14.32
N ILE B 190 -5.65 -17.15 13.12
CA ILE B 190 -4.56 -16.20 12.96
C ILE B 190 -5.17 -15.29 11.88
N PHE B 191 -4.93 -14.00 12.01
CA PHE B 191 -5.51 -13.05 11.07
C PHE B 191 -4.66 -11.85 10.80
N THR B 192 -5.06 -11.12 9.77
CA THR B 192 -4.42 -9.87 9.37
C THR B 192 -5.56 -8.90 9.17
N PRO B 193 -5.41 -7.67 9.66
CA PRO B 193 -6.54 -6.76 9.43
C PRO B 193 -6.53 -6.22 8.00
N VAL B 194 -7.69 -5.80 7.51
CA VAL B 194 -7.76 -5.25 6.16
C VAL B 194 -7.76 -3.73 6.24
N LEU B 195 -7.34 -3.09 5.15
CA LEU B 195 -7.33 -1.64 5.09
C LEU B 195 -8.48 -1.24 4.18
N THR B 196 -8.31 -1.47 2.89
CA THR B 196 -9.36 -1.18 1.92
C THR B 196 -10.37 -2.30 2.03
N ASN B 197 -11.65 -1.97 1.99
CA ASN B 197 -12.65 -3.00 2.06
C ASN B 197 -12.97 -3.47 0.65
N LYS B 198 -12.24 -2.89 -0.30
CA LYS B 198 -12.34 -3.20 -1.72
C LYS B 198 -12.70 -4.68 -1.88
N GLN B 199 -13.74 -4.96 -2.66
CA GLN B 199 -14.16 -6.34 -2.86
C GLN B 199 -12.96 -7.27 -2.99
N ILE B 200 -12.72 -8.06 -1.96
CA ILE B 200 -11.60 -8.98 -1.93
C ILE B 200 -11.66 -9.93 -3.14
N SER B 201 -10.68 -9.80 -4.02
CA SER B 201 -10.60 -10.62 -5.23
C SER B 201 -10.90 -12.10 -4.99
N SER B 202 -12.11 -12.53 -5.36
CA SER B 202 -12.52 -13.92 -5.20
C SER B 202 -11.80 -14.67 -4.08
N ILE B 203 -12.33 -14.53 -2.88
CA ILE B 203 -11.77 -15.16 -1.70
C ILE B 203 -12.10 -16.64 -1.63
N THR B 204 -11.13 -17.43 -1.21
CA THR B 204 -11.36 -18.85 -1.10
C THR B 204 -12.04 -19.13 0.25
N PRO B 205 -12.87 -20.17 0.33
CA PRO B 205 -13.59 -20.50 1.57
C PRO B 205 -12.79 -20.91 2.81
N ASP B 206 -11.48 -20.99 2.70
CA ASP B 206 -10.72 -21.36 3.89
C ASP B 206 -10.37 -20.09 4.63
N MET B 207 -10.92 -18.97 4.16
CA MET B 207 -10.71 -17.65 4.74
C MET B 207 -12.07 -17.07 5.11
N GLU B 208 -12.09 -16.30 6.18
CA GLU B 208 -13.34 -15.70 6.61
C GLU B 208 -13.14 -14.20 6.70
N ILE B 209 -14.07 -13.45 6.13
CA ILE B 209 -14.00 -12.00 6.21
C ILE B 209 -14.86 -11.71 7.41
N THR B 210 -14.26 -11.22 8.47
CA THR B 210 -15.05 -10.94 9.64
C THR B 210 -14.55 -9.66 10.34
N THR B 211 -14.74 -9.59 11.65
CA THR B 211 -14.37 -8.37 12.34
C THR B 211 -14.14 -8.50 13.83
N ILE B 212 -13.34 -7.59 14.39
CA ILE B 212 -13.15 -7.54 15.84
C ILE B 212 -14.18 -6.44 16.08
N PRO B 213 -15.38 -6.81 16.52
CA PRO B 213 -16.49 -5.90 16.78
C PRO B 213 -16.22 -4.67 17.62
N LYS B 214 -17.12 -3.69 17.47
CA LYS B 214 -17.05 -2.44 18.22
C LYS B 214 -17.59 -2.80 19.60
N GLY B 215 -16.95 -2.30 20.65
CA GLY B 215 -17.39 -2.61 22.00
C GLY B 215 -16.36 -2.22 23.05
N ARG B 216 -16.53 -2.67 24.28
CA ARG B 216 -15.57 -2.35 25.31
C ARG B 216 -14.59 -3.49 25.37
N TYR B 217 -13.31 -3.15 25.47
CA TYR B 217 -12.28 -4.15 25.55
C TYR B 217 -11.33 -3.93 26.72
N ALA B 218 -10.93 -5.01 27.37
CA ALA B 218 -9.94 -4.95 28.43
C ALA B 218 -8.65 -5.21 27.67
N CYS B 219 -7.80 -4.18 27.52
CA CYS B 219 -6.55 -4.34 26.77
C CYS B 219 -5.28 -4.16 27.58
N ILE B 220 -4.16 -4.47 26.91
CA ILE B 220 -2.84 -4.34 27.47
C ILE B 220 -1.87 -4.42 26.31
N ALA B 221 -1.00 -3.44 26.19
CA ALA B 221 -0.02 -3.40 25.14
C ALA B 221 1.35 -3.40 25.81
N TYR B 222 2.40 -3.77 25.07
CA TYR B 222 3.75 -3.82 25.63
C TYR B 222 4.76 -4.25 24.57
N ASN B 223 6.03 -3.98 24.83
CA ASN B 223 7.07 -4.37 23.89
C ASN B 223 7.42 -5.81 24.18
N PHE B 224 7.37 -6.63 23.14
CA PHE B 224 7.62 -8.06 23.29
C PHE B 224 8.90 -8.51 23.96
N SER B 225 8.73 -9.57 24.75
CA SER B 225 9.77 -10.24 25.52
C SER B 225 9.12 -11.57 25.88
N PRO B 226 9.71 -12.69 25.45
CA PRO B 226 9.16 -14.02 25.74
C PRO B 226 8.66 -14.23 27.17
N GLU B 227 9.39 -13.68 28.13
CA GLU B 227 9.00 -13.85 29.52
C GLU B 227 7.98 -12.83 29.97
N HIS B 228 7.55 -11.97 29.07
CA HIS B 228 6.57 -10.97 29.44
C HIS B 228 5.24 -11.28 28.79
N TYR B 229 5.27 -12.10 27.75
CA TYR B 229 4.07 -12.48 27.04
C TYR B 229 3.07 -13.10 27.97
N PHE B 230 3.50 -14.14 28.66
CA PHE B 230 2.61 -14.85 29.56
C PHE B 230 2.23 -14.10 30.80
N LEU B 231 3.19 -13.42 31.42
CA LEU B 231 2.88 -12.68 32.62
C LEU B 231 1.88 -11.56 32.35
N ASN B 232 1.89 -11.01 31.13
CA ASN B 232 0.94 -9.95 30.80
C ASN B 232 -0.43 -10.53 30.55
N LEU B 233 -0.48 -11.74 30.00
CA LEU B 233 -1.74 -12.41 29.76
C LEU B 233 -2.36 -12.57 31.14
N GLN B 234 -1.51 -13.01 32.07
CA GLN B 234 -1.89 -13.23 33.45
C GLN B 234 -2.46 -11.98 34.10
N LYS B 235 -1.90 -10.81 33.81
CA LYS B 235 -2.43 -9.61 34.41
C LYS B 235 -3.85 -9.41 33.94
N LEU B 236 -4.06 -9.68 32.65
CA LEU B 236 -5.37 -9.53 32.01
C LEU B 236 -6.39 -10.49 32.65
N ILE B 237 -5.98 -11.76 32.78
CA ILE B 237 -6.83 -12.78 33.37
C ILE B 237 -7.21 -12.39 34.79
N LYS B 238 -6.24 -11.87 35.53
CA LYS B 238 -6.46 -11.44 36.91
C LYS B 238 -7.37 -10.23 36.98
N TYR B 239 -7.06 -9.24 36.15
CA TYR B 239 -7.83 -8.02 36.11
C TYR B 239 -9.31 -8.30 35.88
N ILE B 240 -9.60 -9.21 34.95
CA ILE B 240 -10.99 -9.55 34.64
C ILE B 240 -11.66 -10.27 35.81
N ALA B 241 -10.91 -11.13 36.48
CA ALA B 241 -11.44 -11.85 37.63
C ALA B 241 -11.75 -10.89 38.77
N ASP B 242 -10.80 -9.99 39.09
CA ASP B 242 -10.98 -9.04 40.17
C ASP B 242 -12.21 -8.14 40.00
N ARG B 243 -12.43 -7.58 38.81
CA ARG B 243 -13.60 -6.73 38.62
C ARG B 243 -14.81 -7.57 38.19
N GLN B 244 -14.66 -8.89 38.26
CA GLN B 244 -15.74 -9.78 37.88
C GLN B 244 -16.36 -9.48 36.51
N LEU B 245 -15.53 -9.10 35.56
CA LEU B 245 -16.03 -8.80 34.23
C LEU B 245 -16.44 -10.06 33.48
N THR B 246 -17.27 -9.88 32.45
CA THR B 246 -17.74 -10.99 31.62
C THR B 246 -17.08 -10.90 30.24
N VAL B 247 -16.26 -11.90 29.92
CA VAL B 247 -15.59 -11.88 28.62
C VAL B 247 -16.59 -12.37 27.58
N VAL B 248 -16.65 -11.69 26.44
CA VAL B 248 -17.60 -12.11 25.42
C VAL B 248 -16.99 -12.27 24.03
N SER B 249 -15.71 -12.62 23.99
CA SER B 249 -14.98 -12.86 22.76
C SER B 249 -13.74 -13.65 23.10
N ASP B 250 -12.98 -14.01 22.08
CA ASP B 250 -11.72 -14.69 22.28
C ASP B 250 -10.76 -13.57 22.71
N VAL B 251 -9.56 -13.93 23.12
CA VAL B 251 -8.56 -12.91 23.42
C VAL B 251 -8.05 -12.57 22.01
N TYR B 252 -7.93 -11.29 21.70
CA TYR B 252 -7.40 -10.90 20.40
C TYR B 252 -5.95 -10.49 20.61
N GLU B 253 -5.06 -11.06 19.81
CA GLU B 253 -3.63 -10.81 19.91
C GLU B 253 -3.11 -10.15 18.62
N LEU B 254 -2.44 -9.02 18.77
CA LEU B 254 -1.88 -8.29 17.62
C LEU B 254 -0.42 -7.96 17.86
N ILE B 255 0.42 -8.38 16.93
CA ILE B 255 1.85 -8.14 17.00
C ILE B 255 2.19 -7.22 15.83
N ILE B 256 2.84 -6.11 16.13
CA ILE B 256 3.23 -5.18 15.10
C ILE B 256 4.67 -4.77 15.34
N PRO B 257 5.54 -4.94 14.32
CA PRO B 257 6.95 -4.58 14.44
C PRO B 257 7.24 -3.08 14.67
N ILE B 258 8.19 -2.80 15.56
CA ILE B 258 8.58 -1.42 15.88
C ILE B 258 9.41 -0.78 14.75
N HIS B 259 10.13 -1.62 14.00
CA HIS B 259 10.95 -1.17 12.88
C HIS B 259 11.15 -2.35 11.93
N TYR B 260 11.67 -2.06 10.73
CA TYR B 260 11.92 -3.11 9.75
C TYR B 260 13.36 -3.03 9.30
N SER B 261 14.24 -2.70 10.26
CA SER B 261 15.66 -2.59 10.01
C SER B 261 16.42 -3.88 10.24
N PRO B 262 17.16 -4.34 9.23
CA PRO B 262 17.94 -5.58 9.36
C PRO B 262 19.21 -5.29 10.17
N LYS B 263 19.40 -4.01 10.48
CA LYS B 263 20.57 -3.58 11.23
C LYS B 263 20.36 -3.74 12.72
N LYS B 264 19.34 -3.07 13.27
CA LYS B 264 19.08 -3.15 14.71
C LYS B 264 18.35 -4.42 15.14
N GLN B 265 18.40 -4.70 16.45
CA GLN B 265 17.74 -5.88 17.03
C GLN B 265 16.24 -5.76 16.81
N GLU B 266 15.58 -6.86 16.48
CA GLU B 266 14.15 -6.81 16.24
C GLU B 266 13.35 -6.57 17.50
N GLU B 267 12.26 -5.81 17.36
CA GLU B 267 11.40 -5.49 18.46
C GLU B 267 9.96 -5.35 17.99
N TYR B 268 9.04 -5.97 18.71
CA TYR B 268 7.64 -5.92 18.36
C TYR B 268 6.76 -5.34 19.44
N ARG B 269 5.64 -4.78 19.00
CA ARG B 269 4.67 -4.23 19.93
C ARG B 269 3.56 -5.30 19.99
N VAL B 270 3.21 -5.73 21.20
CA VAL B 270 2.16 -6.73 21.35
C VAL B 270 0.98 -6.11 22.05
N GLU B 271 -0.20 -6.43 21.56
CA GLU B 271 -1.43 -5.92 22.15
C GLU B 271 -2.47 -7.01 22.26
N MET B 272 -2.94 -7.23 23.48
CA MET B 272 -3.96 -8.21 23.74
C MET B 272 -5.20 -7.48 24.20
N LYS B 273 -6.34 -7.81 23.61
CA LYS B 273 -7.58 -7.19 24.03
C LYS B 273 -8.65 -8.27 24.02
N ILE B 274 -9.65 -8.07 24.86
CA ILE B 274 -10.76 -9.00 24.95
C ILE B 274 -12.01 -8.21 25.27
N GLU B 275 -13.07 -8.46 24.52
CA GLU B 275 -14.30 -7.75 24.75
C GLU B 275 -15.02 -8.18 26.03
N ILE B 276 -15.42 -7.18 26.82
CA ILE B 276 -16.09 -7.48 28.09
C ILE B 276 -17.44 -6.78 28.12
N LEU B 277 -18.24 -7.09 29.14
CA LEU B 277 -19.54 -6.47 29.25
C LEU B 277 -19.75 -5.37 30.29
N ASP B 278 -19.67 -5.68 31.58
CA ASP B 278 -19.93 -4.66 32.60
C ASP B 278 -18.84 -3.60 32.81
#